data_1PS1
#
_entry.id   1PS1
#
_cell.length_a   178.720
_cell.length_b   178.720
_cell.length_c   56.620
_cell.angle_alpha   90.00
_cell.angle_beta   90.00
_cell.angle_gamma   120.00
#
_symmetry.space_group_name_H-M   'P 63'
#
loop_
_entity.id
_entity.type
_entity.pdbx_description
1 polymer 'PENTALENENE SYNTHASE'
2 non-polymer 'TRIMETHYL LEAD ION'
3 water water
#
_entity_poly.entity_id   1
_entity_poly.type   'polypeptide(L)'
_entity_poly.pdbx_seq_one_letter_code
;MPQDVDFHIPLPGRQSPDHARAEAEQLAWPRSLGLIRSDAAAERHLRGGYADLASRFYPHATGADLDLGVDLMSWFFLFD
DLFDGPRGENPEDTKQLTDQVAAALDGPLPDTAPPIAHGFADIWRRTCEGMTPAWCARSARHWRNYFDGYVDEAESRFWN
APCDSAAQYLAMRRHTIGVQPTVDLAERAGRFEVPHRVFDSAVMSAMLQIAVDVNLLLNDIASLEKEEARGEQNNMVMIL
RREHGWSKSRSVSHMQNEVRARLEQYLLLESCLPKVGEIYQLDTAEREALERYRTDAVRTVIRGSYDWHRSSGRYDAEFA
LAAGAQGYLEELGSSAH
;
_entity_poly.pdbx_strand_id   A,B
#
loop_
_chem_comp.id
_chem_comp.type
_chem_comp.name
_chem_comp.formula
PBM non-polymer 'TRIMETHYL LEAD ION' 'C3 H9 Pb 1'
#
# COMPACT_ATOMS: atom_id res chain seq x y z
N GLN A 3 -25.80 -8.19 10.28
CA GLN A 3 -26.80 -7.20 10.59
C GLN A 3 -26.56 -6.71 12.03
N ASP A 4 -27.18 -5.58 12.37
CA ASP A 4 -27.15 -4.84 13.65
C ASP A 4 -26.17 -5.04 14.84
N VAL A 5 -24.97 -4.51 14.66
CA VAL A 5 -23.92 -4.53 15.70
C VAL A 5 -23.56 -3.05 15.80
N ASP A 6 -23.48 -2.54 17.02
CA ASP A 6 -23.17 -1.12 17.28
C ASP A 6 -21.82 -0.57 16.86
N PHE A 7 -21.83 0.63 16.27
CA PHE A 7 -20.60 1.28 15.85
C PHE A 7 -20.57 2.77 15.99
N HIS A 8 -19.35 3.26 16.11
CA HIS A 8 -19.04 4.68 16.28
C HIS A 8 -18.74 5.38 14.91
N ILE A 9 -19.79 5.84 14.22
CA ILE A 9 -19.63 6.49 12.88
C ILE A 9 -20.22 7.92 12.84
N PRO A 10 -19.45 8.91 13.30
CA PRO A 10 -19.88 10.30 13.33
C PRO A 10 -19.90 11.07 12.01
N LEU A 11 -20.68 10.62 11.04
CA LEU A 11 -20.74 11.31 9.77
C LEU A 11 -22.23 11.38 9.45
N PRO A 12 -22.68 12.39 8.73
CA PRO A 12 -24.11 12.56 8.37
C PRO A 12 -24.71 11.52 7.39
N GLY A 13 -25.70 10.78 7.83
CA GLY A 13 -26.31 9.82 6.92
C GLY A 13 -27.03 10.62 5.87
N ARG A 14 -26.90 10.18 4.61
CA ARG A 14 -27.55 10.82 3.44
C ARG A 14 -27.93 9.71 2.49
N GLN A 15 -28.80 10.05 1.55
CA GLN A 15 -29.27 9.09 0.58
C GLN A 15 -29.99 9.85 -0.51
N SER A 16 -29.73 9.47 -1.76
CA SER A 16 -30.32 10.18 -2.89
C SER A 16 -31.82 10.34 -3.03
N PRO A 17 -32.28 11.58 -3.18
CA PRO A 17 -33.73 11.73 -3.33
C PRO A 17 -34.32 10.90 -4.51
N ASP A 18 -33.54 10.58 -5.53
CA ASP A 18 -34.03 9.79 -6.69
C ASP A 18 -33.94 8.23 -6.53
N HIS A 19 -33.67 7.77 -5.34
CA HIS A 19 -33.48 6.36 -5.07
C HIS A 19 -34.60 5.38 -5.43
N ALA A 20 -35.85 5.73 -5.13
CA ALA A 20 -36.97 4.82 -5.40
C ALA A 20 -37.10 4.50 -6.88
N ARG A 21 -37.05 5.55 -7.69
CA ARG A 21 -37.16 5.36 -9.12
C ARG A 21 -35.98 4.48 -9.56
N ALA A 22 -34.85 4.62 -8.88
CA ALA A 22 -33.66 3.85 -9.21
C ALA A 22 -33.78 2.36 -8.91
N GLU A 23 -34.37 2.05 -7.75
CA GLU A 23 -34.59 0.69 -7.29
C GLU A 23 -35.65 0.01 -8.19
N ALA A 24 -36.60 0.82 -8.67
CA ALA A 24 -37.66 0.36 -9.55
C ALA A 24 -37.13 -0.11 -10.93
N GLU A 25 -36.33 0.71 -11.63
CA GLU A 25 -35.78 0.37 -12.97
C GLU A 25 -34.47 -0.44 -12.97
N GLN A 26 -34.10 -0.85 -11.76
CA GLN A 26 -32.89 -1.62 -11.52
C GLN A 26 -32.58 -2.71 -12.55
N LEU A 27 -33.61 -3.48 -12.97
CA LEU A 27 -33.39 -4.64 -13.87
C LEU A 27 -33.16 -4.52 -15.36
N ALA A 28 -33.67 -3.46 -15.95
CA ALA A 28 -33.49 -3.33 -17.39
C ALA A 28 -32.04 -3.51 -17.85
N TRP A 29 -31.09 -2.95 -17.12
CA TRP A 29 -29.68 -3.05 -17.54
C TRP A 29 -29.06 -4.43 -17.51
N PRO A 30 -29.02 -5.06 -16.33
CA PRO A 30 -28.41 -6.39 -16.30
C PRO A 30 -29.13 -7.41 -17.21
N ARG A 31 -30.42 -7.18 -17.42
CA ARG A 31 -31.15 -8.06 -18.28
C ARG A 31 -30.63 -7.87 -19.68
N SER A 32 -30.80 -6.70 -20.29
CA SER A 32 -30.37 -6.47 -21.69
C SER A 32 -28.92 -6.86 -22.05
N LEU A 33 -28.10 -7.16 -21.05
CA LEU A 33 -26.70 -7.53 -21.28
C LEU A 33 -26.50 -9.01 -21.02
N GLY A 34 -27.60 -9.72 -20.82
CA GLY A 34 -27.58 -11.15 -20.59
C GLY A 34 -27.03 -11.53 -19.26
N LEU A 35 -26.95 -10.60 -18.33
CA LEU A 35 -26.36 -11.01 -17.06
C LEU A 35 -27.31 -11.73 -16.13
N ILE A 36 -28.60 -11.52 -16.34
CA ILE A 36 -29.71 -12.15 -15.58
C ILE A 36 -30.67 -12.71 -16.69
N ARG A 37 -30.92 -14.01 -16.70
CA ARG A 37 -31.77 -14.55 -17.76
C ARG A 37 -33.19 -14.89 -17.27
N SER A 38 -33.30 -15.71 -16.24
CA SER A 38 -34.60 -16.04 -15.70
C SER A 38 -35.10 -15.07 -14.57
N ASP A 39 -36.42 -15.12 -14.33
CA ASP A 39 -37.16 -14.32 -13.34
C ASP A 39 -36.87 -14.60 -11.89
N ALA A 40 -36.39 -15.78 -11.59
CA ALA A 40 -36.07 -16.07 -10.21
C ALA A 40 -34.69 -15.49 -9.88
N ALA A 41 -33.89 -15.28 -10.93
CA ALA A 41 -32.52 -14.73 -10.79
C ALA A 41 -32.66 -13.20 -10.60
N ALA A 42 -33.58 -12.60 -11.36
CA ALA A 42 -33.98 -11.20 -11.22
C ALA A 42 -34.37 -10.92 -9.75
N GLU A 43 -35.24 -11.77 -9.21
CA GLU A 43 -35.69 -11.62 -7.84
C GLU A 43 -34.60 -11.96 -6.85
N ARG A 44 -33.70 -12.85 -7.21
CA ARG A 44 -32.64 -13.17 -6.27
C ARG A 44 -31.77 -11.89 -6.18
N HIS A 45 -31.78 -11.09 -7.26
CA HIS A 45 -31.01 -9.83 -7.37
C HIS A 45 -31.65 -8.71 -6.56
N LEU A 46 -32.92 -8.40 -6.86
CA LEU A 46 -33.72 -7.43 -6.09
C LEU A 46 -33.48 -7.60 -4.59
N ARG A 47 -33.35 -8.83 -4.12
CA ARG A 47 -33.14 -8.93 -2.69
C ARG A 47 -31.76 -8.77 -2.14
N GLY A 48 -30.80 -8.44 -2.98
CA GLY A 48 -29.47 -8.18 -2.45
C GLY A 48 -29.48 -6.69 -2.01
N GLY A 49 -30.35 -5.89 -2.65
CA GLY A 49 -30.51 -4.49 -2.33
C GLY A 49 -29.30 -3.69 -2.77
N TYR A 50 -29.01 -3.70 -4.06
CA TYR A 50 -27.83 -3.03 -4.59
C TYR A 50 -28.09 -1.59 -5.02
N ALA A 51 -29.33 -1.32 -5.41
CA ALA A 51 -29.69 0.02 -5.82
C ALA A 51 -29.82 0.91 -4.54
N ASP A 52 -30.03 0.30 -3.39
CA ASP A 52 -30.16 1.05 -2.15
C ASP A 52 -28.77 1.56 -1.74
N LEU A 53 -27.81 0.63 -1.78
CA LEU A 53 -26.40 0.87 -1.46
C LEU A 53 -25.83 1.94 -2.41
N ALA A 54 -26.20 1.85 -3.69
CA ALA A 54 -25.73 2.82 -4.67
C ALA A 54 -26.18 4.17 -4.23
N SER A 55 -27.46 4.25 -3.90
CA SER A 55 -28.08 5.50 -3.48
C SER A 55 -27.54 6.13 -2.15
N ARG A 56 -26.68 5.43 -1.44
CA ARG A 56 -26.06 5.96 -0.22
C ARG A 56 -24.59 6.28 -0.48
N PHE A 57 -24.01 5.57 -1.42
CA PHE A 57 -22.60 5.81 -1.79
C PHE A 57 -22.59 7.06 -2.67
N TYR A 58 -23.65 7.20 -3.47
CA TYR A 58 -23.83 8.30 -4.40
C TYR A 58 -25.05 9.19 -4.11
N PRO A 59 -25.15 9.69 -2.84
CA PRO A 59 -26.28 10.57 -2.42
C PRO A 59 -26.40 11.80 -3.28
N HIS A 60 -25.26 12.23 -3.79
CA HIS A 60 -25.27 13.41 -4.64
C HIS A 60 -25.71 13.18 -6.08
N ALA A 61 -26.04 11.93 -6.47
CA ALA A 61 -26.38 11.65 -7.87
C ALA A 61 -27.82 11.58 -8.26
N THR A 62 -28.05 11.68 -9.55
CA THR A 62 -29.41 11.64 -10.04
C THR A 62 -29.62 11.28 -11.56
N GLY A 63 -30.69 10.53 -11.81
CA GLY A 63 -31.04 10.16 -13.16
C GLY A 63 -30.03 9.17 -13.63
N ALA A 64 -29.54 9.44 -14.84
CA ALA A 64 -28.57 8.53 -15.42
C ALA A 64 -27.30 8.40 -14.58
N ASP A 65 -26.89 9.48 -13.93
CA ASP A 65 -25.67 9.39 -13.09
C ASP A 65 -25.91 8.43 -11.94
N LEU A 66 -27.12 8.43 -11.39
CA LEU A 66 -27.41 7.47 -10.30
C LEU A 66 -27.47 6.04 -10.85
N ASP A 67 -28.13 5.88 -12.03
CA ASP A 67 -28.18 4.58 -12.73
C ASP A 67 -26.78 3.99 -12.91
N LEU A 68 -25.83 4.79 -13.41
CA LEU A 68 -24.47 4.27 -13.57
C LEU A 68 -23.96 3.69 -12.27
N GLY A 69 -24.36 4.27 -11.14
CA GLY A 69 -23.86 3.73 -9.86
C GLY A 69 -24.55 2.41 -9.48
N VAL A 70 -25.86 2.38 -9.75
CA VAL A 70 -26.74 1.22 -9.51
C VAL A 70 -26.15 0.05 -10.31
N ASP A 71 -25.91 0.30 -11.61
CA ASP A 71 -25.29 -0.67 -12.50
C ASP A 71 -23.93 -1.18 -12.00
N LEU A 72 -23.08 -0.26 -11.49
CA LEU A 72 -21.78 -0.68 -10.97
C LEU A 72 -22.01 -1.62 -9.81
N MET A 73 -22.94 -1.25 -8.93
CA MET A 73 -23.24 -2.08 -7.75
C MET A 73 -23.76 -3.48 -8.17
N SER A 74 -24.68 -3.51 -9.13
CA SER A 74 -25.19 -4.79 -9.69
C SER A 74 -23.99 -5.61 -10.21
N TRP A 75 -23.27 -5.05 -11.19
CA TRP A 75 -22.12 -5.73 -11.77
C TRP A 75 -21.14 -6.25 -10.73
N PHE A 76 -20.97 -5.50 -9.69
CA PHE A 76 -20.07 -5.94 -8.69
C PHE A 76 -20.40 -7.31 -8.13
N PHE A 77 -21.65 -7.50 -7.70
CA PHE A 77 -22.11 -8.77 -7.09
C PHE A 77 -22.27 -9.94 -8.08
N LEU A 78 -22.74 -9.59 -9.29
CA LEU A 78 -22.83 -10.53 -10.38
C LEU A 78 -21.43 -11.11 -10.72
N PHE A 79 -20.45 -10.23 -10.88
CA PHE A 79 -19.10 -10.69 -11.14
C PHE A 79 -18.57 -11.56 -9.99
N ASP A 80 -18.82 -11.16 -8.75
CA ASP A 80 -18.31 -11.90 -7.59
C ASP A 80 -18.80 -13.37 -7.51
N ASP A 81 -20.03 -13.60 -7.97
CA ASP A 81 -20.66 -14.92 -8.00
C ASP A 81 -19.88 -16.00 -8.76
N LEU A 82 -19.35 -15.59 -9.91
CA LEU A 82 -18.58 -16.45 -10.78
C LEU A 82 -17.32 -17.01 -10.15
N PHE A 83 -17.01 -16.64 -8.90
CA PHE A 83 -15.81 -17.18 -8.26
C PHE A 83 -16.20 -17.95 -7.03
N ASP A 84 -17.50 -18.16 -6.86
CA ASP A 84 -17.96 -18.94 -5.74
C ASP A 84 -17.77 -20.40 -6.12
N GLY A 85 -17.68 -20.68 -7.43
CA GLY A 85 -17.50 -22.04 -7.90
C GLY A 85 -16.09 -22.58 -7.76
N PRO A 86 -15.78 -23.68 -8.48
CA PRO A 86 -14.44 -24.29 -8.45
C PRO A 86 -13.45 -23.31 -9.07
N ARG A 87 -13.93 -22.51 -10.03
CA ARG A 87 -13.13 -21.49 -10.73
C ARG A 87 -12.38 -20.56 -9.78
N GLY A 88 -12.83 -20.51 -8.54
CA GLY A 88 -12.23 -19.63 -7.56
C GLY A 88 -10.96 -20.13 -6.91
N GLU A 89 -10.64 -21.42 -7.06
CA GLU A 89 -9.41 -21.96 -6.43
C GLU A 89 -8.32 -22.34 -7.42
N ASN A 90 -8.42 -21.82 -8.63
CA ASN A 90 -7.43 -22.12 -9.64
C ASN A 90 -7.00 -20.83 -10.32
N PRO A 91 -5.85 -20.29 -9.89
CA PRO A 91 -5.29 -19.06 -10.42
C PRO A 91 -5.44 -18.87 -11.95
N GLU A 92 -5.47 -19.98 -12.68
CA GLU A 92 -5.55 -19.95 -14.12
C GLU A 92 -6.96 -19.80 -14.74
N ASP A 93 -8.01 -20.16 -14.01
CA ASP A 93 -9.39 -20.03 -14.52
C ASP A 93 -9.92 -18.67 -14.17
N THR A 94 -9.42 -18.18 -13.04
CA THR A 94 -9.72 -16.86 -12.54
C THR A 94 -9.13 -15.89 -13.59
N LYS A 95 -7.79 -15.95 -13.74
CA LYS A 95 -7.05 -15.10 -14.71
C LYS A 95 -7.64 -15.22 -16.10
N GLN A 96 -7.97 -16.45 -16.42
CA GLN A 96 -8.60 -16.79 -17.66
C GLN A 96 -9.76 -15.80 -17.86
N LEU A 97 -10.59 -15.65 -16.82
CA LEU A 97 -11.76 -14.73 -16.89
C LEU A 97 -11.43 -13.21 -16.80
N THR A 98 -10.71 -12.90 -15.72
CA THR A 98 -10.15 -11.61 -15.37
C THR A 98 -9.72 -10.89 -16.63
N ASP A 99 -8.83 -11.54 -17.39
CA ASP A 99 -8.23 -10.98 -18.62
C ASP A 99 -9.20 -10.60 -19.70
N GLN A 100 -10.29 -11.34 -19.77
CA GLN A 100 -11.31 -11.06 -20.76
C GLN A 100 -12.09 -9.82 -20.32
N VAL A 101 -12.21 -9.62 -19.01
CA VAL A 101 -12.92 -8.42 -18.51
C VAL A 101 -11.93 -7.23 -18.58
N ALA A 102 -10.78 -7.37 -17.92
CA ALA A 102 -9.79 -6.31 -17.93
C ALA A 102 -9.39 -5.85 -19.37
N ALA A 103 -9.62 -6.71 -20.36
CA ALA A 103 -9.26 -6.35 -21.71
C ALA A 103 -10.02 -5.11 -22.15
N ALA A 104 -11.20 -4.91 -21.58
CA ALA A 104 -12.04 -3.75 -21.97
C ALA A 104 -11.38 -2.39 -21.74
N LEU A 105 -10.45 -2.35 -20.79
CA LEU A 105 -9.75 -1.10 -20.46
C LEU A 105 -8.83 -0.65 -21.61
N ASP A 106 -8.49 -1.57 -22.50
CA ASP A 106 -7.57 -1.24 -23.58
C ASP A 106 -8.15 -1.00 -24.97
N GLY A 107 -9.41 -1.33 -25.17
CA GLY A 107 -10.04 -1.15 -26.47
C GLY A 107 -11.27 -2.02 -26.54
N PRO A 108 -12.00 -2.08 -27.69
CA PRO A 108 -13.22 -2.86 -27.92
C PRO A 108 -13.09 -4.40 -27.76
N LEU A 109 -14.14 -5.01 -27.19
CA LEU A 109 -14.23 -6.48 -26.95
C LEU A 109 -14.84 -7.35 -28.09
N PRO A 110 -14.25 -8.54 -28.36
CA PRO A 110 -14.80 -9.39 -29.44
C PRO A 110 -16.20 -9.88 -29.01
N ASP A 111 -17.18 -9.91 -29.93
CA ASP A 111 -18.55 -10.34 -29.59
C ASP A 111 -18.57 -11.64 -28.78
N THR A 112 -17.51 -12.44 -28.91
CA THR A 112 -17.43 -13.72 -28.22
C THR A 112 -17.01 -13.67 -26.77
N ALA A 113 -17.00 -12.47 -26.20
CA ALA A 113 -16.60 -12.30 -24.81
C ALA A 113 -17.83 -12.58 -23.96
N PRO A 114 -17.64 -13.16 -22.74
CA PRO A 114 -18.79 -13.47 -21.84
C PRO A 114 -19.61 -12.23 -21.57
N PRO A 115 -20.82 -12.41 -21.05
CA PRO A 115 -21.63 -11.20 -20.81
C PRO A 115 -21.13 -10.32 -19.62
N ILE A 116 -20.52 -10.95 -18.62
CA ILE A 116 -19.97 -10.24 -17.48
C ILE A 116 -18.86 -9.30 -17.97
N ALA A 117 -18.28 -9.55 -19.13
CA ALA A 117 -17.24 -8.67 -19.67
C ALA A 117 -17.84 -7.58 -20.54
N HIS A 118 -18.94 -7.83 -21.22
CA HIS A 118 -19.55 -6.77 -22.03
C HIS A 118 -20.25 -5.80 -21.09
N GLY A 119 -20.67 -6.31 -19.93
CA GLY A 119 -21.37 -5.48 -18.98
C GLY A 119 -20.40 -4.49 -18.39
N PHE A 120 -19.23 -5.00 -18.03
CA PHE A 120 -18.18 -4.16 -17.50
C PHE A 120 -17.83 -3.09 -18.50
N ALA A 121 -17.68 -3.47 -19.75
CA ALA A 121 -17.35 -2.47 -20.75
C ALA A 121 -18.42 -1.40 -20.86
N ASP A 122 -19.69 -1.77 -20.81
CA ASP A 122 -20.73 -0.74 -20.91
C ASP A 122 -20.58 0.29 -19.76
N ILE A 123 -20.24 -0.23 -18.58
CA ILE A 123 -20.04 0.60 -17.40
C ILE A 123 -18.85 1.54 -17.61
N TRP A 124 -17.69 0.98 -17.91
CA TRP A 124 -16.48 1.79 -18.13
C TRP A 124 -16.65 2.78 -19.27
N ARG A 125 -17.31 2.40 -20.34
CA ARG A 125 -17.50 3.34 -21.44
C ARG A 125 -18.19 4.57 -20.90
N ARG A 126 -19.04 4.37 -19.90
CA ARG A 126 -19.79 5.45 -19.30
C ARG A 126 -19.04 6.11 -18.14
N THR A 127 -18.19 5.38 -17.44
CA THR A 127 -17.45 5.98 -16.34
C THR A 127 -16.50 7.07 -16.83
N CYS A 128 -15.85 6.81 -17.95
CA CYS A 128 -14.89 7.73 -18.47
C CYS A 128 -15.34 8.89 -19.37
N GLU A 129 -16.33 8.67 -20.23
CA GLU A 129 -16.84 9.71 -21.14
C GLU A 129 -17.08 11.05 -20.40
N GLY A 130 -16.37 12.11 -20.80
CA GLY A 130 -16.57 13.42 -20.16
C GLY A 130 -15.58 13.80 -19.08
N MET A 131 -14.78 12.86 -18.63
CA MET A 131 -13.79 13.12 -17.61
C MET A 131 -12.49 13.34 -18.36
N THR A 132 -11.41 13.67 -17.65
CA THR A 132 -10.17 13.93 -18.37
C THR A 132 -9.35 12.68 -18.51
N PRO A 133 -8.57 12.60 -19.58
CA PRO A 133 -7.70 11.48 -19.91
C PRO A 133 -6.91 10.98 -18.71
N ALA A 134 -6.39 11.92 -17.94
CA ALA A 134 -5.58 11.56 -16.81
C ALA A 134 -6.43 10.96 -15.72
N TRP A 135 -7.67 11.39 -15.60
CA TRP A 135 -8.51 10.84 -14.53
C TRP A 135 -8.82 9.38 -14.90
N CYS A 136 -9.17 9.26 -16.16
CA CYS A 136 -9.48 8.02 -16.76
C CYS A 136 -8.36 7.00 -16.56
N ALA A 137 -7.14 7.42 -16.83
CA ALA A 137 -6.01 6.52 -16.65
C ALA A 137 -5.78 6.12 -15.24
N ARG A 138 -6.08 7.02 -14.31
CA ARG A 138 -5.89 6.72 -12.89
C ARG A 138 -6.96 5.68 -12.44
N SER A 139 -8.16 5.77 -13.05
CA SER A 139 -9.21 4.82 -12.69
C SER A 139 -8.87 3.40 -13.17
N ALA A 140 -8.42 3.34 -14.43
CA ALA A 140 -8.00 2.10 -15.05
C ALA A 140 -6.89 1.36 -14.26
N ARG A 141 -5.97 2.12 -13.72
CA ARG A 141 -4.89 1.58 -12.91
C ARG A 141 -5.55 0.87 -11.71
N HIS A 142 -6.59 1.46 -11.15
CA HIS A 142 -7.29 0.96 -9.95
C HIS A 142 -8.04 -0.36 -10.19
N TRP A 143 -8.72 -0.38 -11.34
CA TRP A 143 -9.45 -1.55 -11.87
C TRP A 143 -8.47 -2.71 -12.05
N ARG A 144 -7.34 -2.46 -12.74
CA ARG A 144 -6.37 -3.54 -12.86
C ARG A 144 -5.89 -4.13 -11.55
N ASN A 145 -5.81 -3.37 -10.46
CA ASN A 145 -5.35 -4.02 -9.21
C ASN A 145 -6.46 -4.80 -8.63
N TYR A 146 -7.67 -4.33 -8.92
CA TYR A 146 -8.89 -5.00 -8.44
C TYR A 146 -8.85 -6.43 -9.00
N PHE A 147 -8.72 -6.51 -10.33
CA PHE A 147 -8.62 -7.77 -11.05
C PHE A 147 -7.45 -8.61 -10.53
N ASP A 148 -6.28 -8.02 -10.46
CA ASP A 148 -5.18 -8.80 -9.96
C ASP A 148 -5.47 -9.21 -8.51
N GLY A 149 -6.37 -8.53 -7.84
CA GLY A 149 -6.62 -8.90 -6.47
C GLY A 149 -7.28 -10.27 -6.44
N TYR A 150 -8.19 -10.49 -7.37
CA TYR A 150 -8.88 -11.77 -7.47
C TYR A 150 -7.88 -12.91 -7.81
N VAL A 151 -6.98 -12.64 -8.74
CA VAL A 151 -5.99 -13.63 -9.14
C VAL A 151 -5.07 -14.01 -7.96
N ASP A 152 -4.54 -13.03 -7.24
CA ASP A 152 -3.68 -13.32 -6.08
C ASP A 152 -4.44 -13.98 -4.92
N GLU A 153 -5.77 -14.01 -5.02
CA GLU A 153 -6.62 -14.62 -3.99
C GLU A 153 -6.80 -16.11 -4.30
N ALA A 154 -7.05 -16.43 -5.59
CA ALA A 154 -7.21 -17.81 -6.08
C ALA A 154 -5.94 -18.62 -5.79
N GLU A 155 -4.83 -17.90 -5.70
CA GLU A 155 -3.54 -18.49 -5.43
C GLU A 155 -3.48 -19.18 -4.07
N SER A 156 -4.11 -18.60 -3.05
CA SER A 156 -4.07 -19.14 -1.68
C SER A 156 -4.56 -20.55 -1.36
N ARG A 157 -5.06 -21.24 -2.39
CA ARG A 157 -5.65 -22.59 -2.36
C ARG A 157 -7.13 -22.35 -2.62
N SER A 165 -3.04 -15.20 10.07
CA SER A 165 -2.35 -13.96 9.75
C SER A 165 -3.32 -12.83 9.30
N ALA A 166 -3.56 -11.89 10.22
CA ALA A 166 -4.43 -10.74 9.97
C ALA A 166 -3.79 -9.78 8.96
N ALA A 167 -2.56 -9.35 9.23
CA ALA A 167 -1.85 -8.44 8.35
C ALA A 167 -1.67 -9.01 6.95
N GLN A 168 -1.75 -10.33 6.81
CA GLN A 168 -1.62 -10.94 5.50
C GLN A 168 -3.01 -10.95 4.84
N TYR A 169 -4.05 -11.19 5.64
CA TYR A 169 -5.43 -11.24 5.16
C TYR A 169 -5.87 -9.87 4.61
N LEU A 170 -5.68 -8.83 5.41
CA LEU A 170 -6.04 -7.47 5.03
C LEU A 170 -5.33 -7.13 3.75
N ALA A 171 -4.07 -7.55 3.67
CA ALA A 171 -3.24 -7.31 2.51
C ALA A 171 -3.93 -7.67 1.21
N MET A 172 -4.40 -8.91 1.10
CA MET A 172 -5.07 -9.33 -0.13
C MET A 172 -6.49 -8.79 -0.30
N ARG A 173 -7.22 -8.69 0.83
CA ARG A 173 -8.59 -8.20 0.85
C ARG A 173 -8.82 -6.75 0.37
N ARG A 174 -7.85 -5.87 0.60
CA ARG A 174 -7.93 -4.45 0.20
C ARG A 174 -8.15 -4.17 -1.26
N HIS A 175 -7.86 -5.16 -2.11
CA HIS A 175 -8.03 -4.99 -3.56
C HIS A 175 -9.36 -5.51 -4.12
N THR A 176 -9.74 -6.69 -3.63
CA THR A 176 -10.95 -7.44 -4.01
C THR A 176 -12.27 -6.84 -3.52
N ILE A 177 -12.17 -6.02 -2.47
CA ILE A 177 -13.33 -5.38 -1.87
C ILE A 177 -14.08 -4.37 -2.79
N GLY A 178 -13.36 -3.78 -3.75
CA GLY A 178 -13.96 -2.84 -4.68
C GLY A 178 -14.12 -1.38 -4.25
N VAL A 179 -13.62 -1.00 -3.08
CA VAL A 179 -13.78 0.37 -2.57
C VAL A 179 -13.28 1.49 -3.48
N GLN A 180 -12.02 1.41 -3.87
CA GLN A 180 -11.45 2.45 -4.72
C GLN A 180 -12.19 2.70 -6.00
N PRO A 181 -12.46 1.63 -6.78
CA PRO A 181 -13.20 1.98 -8.00
C PRO A 181 -14.58 2.54 -7.61
N THR A 182 -15.03 2.24 -6.39
CA THR A 182 -16.36 2.70 -5.91
C THR A 182 -16.29 4.19 -5.73
N VAL A 183 -15.36 4.60 -4.90
CA VAL A 183 -15.07 6.00 -4.64
C VAL A 183 -14.80 6.75 -5.98
N ASP A 184 -14.05 6.12 -6.88
CA ASP A 184 -13.77 6.82 -8.12
C ASP A 184 -15.07 7.22 -8.80
N LEU A 185 -16.05 6.34 -8.72
CA LEU A 185 -17.33 6.60 -9.38
C LEU A 185 -18.06 7.82 -8.79
N ALA A 186 -17.81 8.10 -7.49
CA ALA A 186 -18.43 9.27 -6.81
C ALA A 186 -18.01 10.57 -7.53
N GLU A 187 -16.75 10.64 -7.96
CA GLU A 187 -16.27 11.77 -8.77
C GLU A 187 -17.06 11.81 -10.06
N ARG A 188 -17.04 10.73 -10.83
CA ARG A 188 -17.79 10.71 -12.10
C ARG A 188 -19.27 11.10 -12.01
N ALA A 189 -19.96 10.53 -11.02
CA ALA A 189 -21.39 10.81 -10.77
C ALA A 189 -21.57 12.27 -10.37
N GLY A 190 -20.65 12.75 -9.52
CA GLY A 190 -20.65 14.13 -9.07
C GLY A 190 -20.17 15.06 -10.19
N ARG A 191 -19.46 14.56 -11.23
CA ARG A 191 -18.93 15.42 -12.30
C ARG A 191 -17.87 16.43 -11.77
N PHE A 192 -16.96 15.92 -10.96
CA PHE A 192 -15.92 16.75 -10.47
C PHE A 192 -14.70 15.85 -10.33
N GLU A 193 -13.52 16.43 -10.11
CA GLU A 193 -12.34 15.61 -9.89
C GLU A 193 -11.36 16.24 -8.88
N VAL A 194 -11.07 15.53 -7.80
CA VAL A 194 -10.09 16.02 -6.84
C VAL A 194 -8.71 16.32 -7.56
N PRO A 195 -7.94 17.35 -7.08
CA PRO A 195 -6.64 17.60 -7.75
C PRO A 195 -5.79 16.34 -7.66
N HIS A 196 -5.31 15.93 -8.82
CA HIS A 196 -4.49 14.74 -8.93
C HIS A 196 -3.29 14.72 -7.99
N ARG A 197 -2.68 15.90 -7.77
CA ARG A 197 -1.52 16.00 -6.88
C ARG A 197 -1.86 15.78 -5.43
N VAL A 198 -3.10 16.08 -5.08
CA VAL A 198 -3.54 15.91 -3.70
C VAL A 198 -4.05 14.49 -3.47
N PHE A 199 -4.61 13.93 -4.53
CA PHE A 199 -5.05 12.55 -4.49
C PHE A 199 -3.81 11.66 -4.11
N ASP A 200 -2.63 11.93 -4.71
CA ASP A 200 -1.39 11.17 -4.43
C ASP A 200 -0.76 11.44 -3.06
N SER A 201 -1.31 12.38 -2.29
CA SER A 201 -0.75 12.75 -0.97
C SER A 201 -0.77 11.72 0.18
N ALA A 202 0.27 11.69 1.00
CA ALA A 202 0.27 10.75 2.10
C ALA A 202 -0.96 10.88 3.01
N VAL A 203 -1.46 12.09 3.21
CA VAL A 203 -2.66 12.29 4.07
C VAL A 203 -3.93 11.69 3.41
N MET A 204 -4.23 12.04 2.17
CA MET A 204 -5.43 11.49 1.52
C MET A 204 -5.40 9.97 1.31
N SER A 205 -4.27 9.46 0.90
CA SER A 205 -4.20 8.03 0.71
C SER A 205 -4.37 7.34 2.08
N ALA A 206 -4.07 8.03 3.18
CA ALA A 206 -4.26 7.44 4.50
C ALA A 206 -5.76 7.47 4.78
N MET A 207 -6.45 8.51 4.32
CA MET A 207 -7.87 8.56 4.55
C MET A 207 -8.52 7.46 3.69
N LEU A 208 -8.00 7.25 2.50
CA LEU A 208 -8.53 6.22 1.62
C LEU A 208 -8.31 4.81 2.19
N GLN A 209 -7.14 4.56 2.76
CA GLN A 209 -6.87 3.25 3.36
C GLN A 209 -7.80 3.01 4.54
N ILE A 210 -8.28 4.05 5.21
CA ILE A 210 -9.20 3.86 6.33
C ILE A 210 -10.60 3.48 5.80
N ALA A 211 -11.01 4.07 4.67
CA ALA A 211 -12.31 3.77 4.05
C ALA A 211 -12.37 2.31 3.64
N VAL A 212 -11.29 1.84 3.06
CA VAL A 212 -11.18 0.47 2.65
C VAL A 212 -11.26 -0.48 3.85
N ASP A 213 -10.35 -0.32 4.81
CA ASP A 213 -10.28 -1.13 6.06
C ASP A 213 -11.61 -1.22 6.81
N VAL A 214 -12.24 -0.09 7.00
CA VAL A 214 -13.51 -0.01 7.68
C VAL A 214 -14.57 -0.77 6.92
N ASN A 215 -14.56 -0.69 5.61
CA ASN A 215 -15.54 -1.41 4.80
C ASN A 215 -15.46 -2.92 4.92
N LEU A 216 -14.26 -3.48 4.92
CA LEU A 216 -14.15 -4.91 5.01
C LEU A 216 -14.33 -5.40 6.42
N LEU A 217 -14.17 -4.55 7.41
CA LEU A 217 -14.41 -4.97 8.78
C LEU A 217 -15.91 -4.98 9.02
N LEU A 218 -16.63 -4.01 8.48
CA LEU A 218 -18.08 -3.92 8.62
C LEU A 218 -18.67 -5.13 7.93
N ASN A 219 -18.24 -5.29 6.68
CA ASN A 219 -18.61 -6.40 5.79
C ASN A 219 -18.38 -7.76 6.48
N ASP A 220 -17.16 -8.03 6.95
CA ASP A 220 -16.86 -9.29 7.64
C ASP A 220 -17.70 -9.53 8.90
N ILE A 221 -18.14 -8.47 9.56
CA ILE A 221 -18.95 -8.67 10.75
C ILE A 221 -20.39 -9.02 10.36
N ALA A 222 -20.94 -8.25 9.45
CA ALA A 222 -22.30 -8.48 8.99
C ALA A 222 -22.57 -9.91 8.48
N SER A 223 -21.66 -10.45 7.69
CA SER A 223 -21.84 -11.79 7.12
C SER A 223 -21.20 -12.93 7.92
N LEU A 224 -20.97 -12.71 9.21
CA LEU A 224 -20.33 -13.70 10.06
C LEU A 224 -20.97 -15.10 10.12
N GLU A 225 -22.28 -15.17 10.36
CA GLU A 225 -23.00 -16.44 10.47
C GLU A 225 -23.17 -17.23 9.16
N LYS A 226 -23.05 -16.55 8.02
CA LYS A 226 -23.19 -17.21 6.74
C LYS A 226 -21.92 -17.96 6.30
N GLU A 227 -20.75 -17.31 6.29
CA GLU A 227 -19.49 -17.96 5.88
C GLU A 227 -19.00 -19.00 6.88
N GLU A 228 -19.50 -18.91 8.11
CA GLU A 228 -19.16 -19.81 9.22
C GLU A 228 -19.78 -21.18 8.98
N ALA A 229 -21.08 -21.19 8.70
CA ALA A 229 -21.83 -22.41 8.44
C ALA A 229 -21.26 -23.24 7.28
N ARG A 230 -20.46 -22.62 6.39
CA ARG A 230 -19.85 -23.32 5.25
C ARG A 230 -18.36 -23.65 5.44
N GLY A 231 -17.85 -23.41 6.64
CA GLY A 231 -16.45 -23.71 6.96
C GLY A 231 -15.33 -22.74 6.58
N GLU A 232 -15.66 -21.60 5.96
CA GLU A 232 -14.64 -20.64 5.53
C GLU A 232 -13.78 -20.02 6.65
N GLN A 233 -12.48 -20.16 6.51
CA GLN A 233 -11.54 -19.66 7.50
C GLN A 233 -10.86 -18.37 7.09
N ASN A 234 -11.24 -17.85 5.94
CA ASN A 234 -10.65 -16.60 5.48
C ASN A 234 -11.58 -15.42 5.79
N ASN A 235 -11.96 -15.33 7.06
CA ASN A 235 -12.82 -14.26 7.52
C ASN A 235 -12.12 -13.67 8.73
N MET A 236 -12.12 -12.35 8.83
CA MET A 236 -11.47 -11.67 9.94
C MET A 236 -11.75 -12.29 11.31
N VAL A 237 -12.98 -12.67 11.57
CA VAL A 237 -13.29 -13.26 12.86
C VAL A 237 -12.52 -14.56 13.08
N MET A 238 -12.66 -15.47 12.12
CA MET A 238 -12.00 -16.77 12.15
C MET A 238 -10.50 -16.65 12.26
N ILE A 239 -9.94 -15.73 11.48
CA ILE A 239 -8.49 -15.51 11.48
C ILE A 239 -8.01 -14.92 12.81
N LEU A 240 -8.83 -14.05 13.40
CA LEU A 240 -8.47 -13.41 14.68
C LEU A 240 -8.43 -14.38 15.87
N ARG A 241 -9.19 -15.48 15.80
CA ARG A 241 -9.21 -16.49 16.86
C ARG A 241 -8.00 -17.40 16.68
N ARG A 242 -7.57 -17.53 15.44
CA ARG A 242 -6.44 -18.35 15.04
C ARG A 242 -5.14 -17.70 15.50
N GLU A 243 -4.81 -16.55 14.91
CA GLU A 243 -3.59 -15.84 15.24
C GLU A 243 -3.44 -15.64 16.75
N HIS A 244 -4.48 -15.08 17.39
CA HIS A 244 -4.43 -14.79 18.83
C HIS A 244 -4.90 -15.86 19.80
N GLY A 245 -5.73 -16.79 19.35
CA GLY A 245 -6.24 -17.80 20.26
C GLY A 245 -7.27 -17.11 21.14
N TRP A 246 -8.27 -16.52 20.51
CA TRP A 246 -9.34 -15.80 21.20
C TRP A 246 -10.70 -16.46 21.02
N SER A 247 -11.63 -16.13 21.92
CA SER A 247 -12.99 -16.63 21.86
C SER A 247 -13.68 -15.80 20.80
N LYS A 248 -14.60 -16.41 20.06
CA LYS A 248 -15.32 -15.71 19.00
C LYS A 248 -15.95 -14.35 19.37
N SER A 249 -16.13 -14.09 20.66
CA SER A 249 -16.71 -12.81 21.09
C SER A 249 -15.63 -11.73 21.29
N ARG A 250 -14.41 -12.14 21.66
CA ARG A 250 -13.27 -11.21 21.85
C ARG A 250 -12.79 -10.77 20.45
N SER A 251 -12.96 -11.66 19.46
CA SER A 251 -12.59 -11.34 18.08
C SER A 251 -13.53 -10.27 17.48
N VAL A 252 -14.82 -10.30 17.87
CA VAL A 252 -15.79 -9.33 17.37
C VAL A 252 -15.70 -7.97 18.06
N SER A 253 -15.49 -7.97 19.36
CA SER A 253 -15.36 -6.71 20.08
C SER A 253 -14.11 -5.99 19.55
N HIS A 254 -12.98 -6.69 19.50
CA HIS A 254 -11.71 -6.12 19.01
C HIS A 254 -11.83 -5.45 17.64
N MET A 255 -12.72 -5.97 16.80
CA MET A 255 -12.95 -5.40 15.48
C MET A 255 -13.74 -4.10 15.59
N GLN A 256 -14.68 -4.07 16.54
CA GLN A 256 -15.48 -2.88 16.78
C GLN A 256 -14.50 -1.80 17.23
N ASN A 257 -13.50 -2.23 18.00
CA ASN A 257 -12.47 -1.34 18.51
C ASN A 257 -11.64 -0.83 17.36
N GLU A 258 -11.15 -1.75 16.53
CA GLU A 258 -10.34 -1.36 15.38
C GLU A 258 -11.09 -0.35 14.55
N VAL A 259 -12.37 -0.55 14.38
CA VAL A 259 -13.15 0.40 13.61
C VAL A 259 -13.16 1.75 14.31
N ARG A 260 -13.55 1.73 15.58
CA ARG A 260 -13.65 2.95 16.39
C ARG A 260 -12.39 3.77 16.31
N ALA A 261 -11.24 3.11 16.46
CA ALA A 261 -9.96 3.80 16.42
C ALA A 261 -9.66 4.33 15.01
N ARG A 262 -10.12 3.62 13.97
CA ARG A 262 -9.84 4.10 12.62
C ARG A 262 -10.66 5.31 12.31
N LEU A 263 -11.88 5.30 12.81
CA LEU A 263 -12.78 6.43 12.63
C LEU A 263 -12.26 7.68 13.36
N GLU A 264 -11.69 7.47 14.56
CA GLU A 264 -11.11 8.58 15.34
C GLU A 264 -10.07 9.24 14.44
N GLN A 265 -9.08 8.43 14.04
CA GLN A 265 -7.99 8.91 13.21
C GLN A 265 -8.44 9.52 11.91
N TYR A 266 -9.48 8.97 11.30
CA TYR A 266 -9.98 9.54 10.05
C TYR A 266 -10.20 11.06 10.27
N LEU A 267 -10.88 11.38 11.36
CA LEU A 267 -11.20 12.76 11.75
C LEU A 267 -9.96 13.63 12.00
N LEU A 268 -8.93 13.01 12.58
CA LEU A 268 -7.64 13.68 12.86
C LEU A 268 -7.08 14.12 11.54
N LEU A 269 -6.96 13.18 10.60
CA LEU A 269 -6.46 13.45 9.28
C LEU A 269 -7.27 14.52 8.53
N GLU A 270 -8.60 14.45 8.66
CA GLU A 270 -9.50 15.43 8.01
C GLU A 270 -9.15 16.88 8.40
N SER A 271 -8.73 17.07 9.65
CA SER A 271 -8.34 18.38 10.16
C SER A 271 -7.00 18.84 9.57
N CYS A 272 -6.14 17.90 9.15
CA CYS A 272 -4.87 18.26 8.52
C CYS A 272 -5.09 18.65 7.05
N LEU A 273 -6.31 18.56 6.60
CA LEU A 273 -6.56 18.85 5.20
C LEU A 273 -6.35 20.27 4.73
N PRO A 274 -6.69 21.27 5.54
CA PRO A 274 -6.52 22.68 5.13
C PRO A 274 -5.05 23.03 4.92
N LYS A 275 -4.21 22.52 5.82
CA LYS A 275 -2.78 22.70 5.76
C LYS A 275 -2.31 21.94 4.49
N VAL A 276 -2.81 20.74 4.27
CA VAL A 276 -2.42 20.01 3.06
C VAL A 276 -2.76 20.76 1.76
N GLY A 277 -3.83 21.54 1.76
CA GLY A 277 -4.19 22.28 0.56
C GLY A 277 -3.19 23.40 0.34
N GLU A 278 -2.70 23.97 1.45
CA GLU A 278 -1.68 25.04 1.40
C GLU A 278 -0.40 24.47 0.74
N ILE A 279 0.09 23.36 1.32
CA ILE A 279 1.29 22.70 0.81
C ILE A 279 1.24 22.52 -0.71
N TYR A 280 0.09 22.15 -1.24
CA TYR A 280 -0.06 21.96 -2.69
C TYR A 280 -0.53 23.20 -3.44
N GLN A 281 -0.55 24.32 -2.73
CA GLN A 281 -0.93 25.62 -3.28
C GLN A 281 -2.11 25.51 -4.16
N LEU A 282 -3.19 25.01 -3.57
CA LEU A 282 -4.40 24.81 -4.32
C LEU A 282 -5.10 26.13 -4.50
N ASP A 283 -5.68 26.34 -5.68
CA ASP A 283 -6.41 27.55 -5.89
C ASP A 283 -7.84 27.39 -5.34
N THR A 284 -8.69 28.39 -5.53
CA THR A 284 -10.09 28.38 -5.08
C THR A 284 -10.92 27.16 -5.58
N ALA A 285 -10.95 26.94 -6.88
CA ALA A 285 -11.69 25.83 -7.48
C ALA A 285 -11.21 24.47 -6.93
N GLU A 286 -9.89 24.30 -6.90
CA GLU A 286 -9.27 23.09 -6.41
C GLU A 286 -9.64 22.83 -4.96
N ARG A 287 -9.49 23.85 -4.14
CA ARG A 287 -9.78 23.75 -2.72
C ARG A 287 -11.21 23.25 -2.48
N GLU A 288 -12.08 23.58 -3.43
CA GLU A 288 -13.50 23.19 -3.41
C GLU A 288 -13.72 21.74 -3.90
N ALA A 289 -13.10 21.38 -5.04
CA ALA A 289 -13.15 20.01 -5.59
C ALA A 289 -12.68 19.06 -4.50
N LEU A 290 -11.62 19.44 -3.77
CA LEU A 290 -11.14 18.60 -2.65
C LEU A 290 -12.18 18.54 -1.49
N GLU A 291 -13.00 19.56 -1.35
CA GLU A 291 -13.97 19.55 -0.27
C GLU A 291 -15.04 18.52 -0.65
N ARG A 292 -15.51 18.63 -1.89
CA ARG A 292 -16.48 17.68 -2.48
C ARG A 292 -15.98 16.28 -2.37
N TYR A 293 -14.73 16.07 -2.70
CA TYR A 293 -14.19 14.74 -2.61
C TYR A 293 -14.26 14.21 -1.19
N ARG A 294 -14.09 15.08 -0.21
CA ARG A 294 -14.06 14.66 1.20
C ARG A 294 -15.45 14.31 1.73
N THR A 295 -16.42 15.11 1.31
CA THR A 295 -17.77 14.93 1.78
C THR A 295 -18.69 14.07 0.89
N ASP A 296 -18.45 14.11 -0.42
CA ASP A 296 -19.24 13.38 -1.39
C ASP A 296 -18.73 12.05 -1.94
N ALA A 297 -17.46 11.74 -1.69
CA ALA A 297 -16.85 10.53 -2.14
C ALA A 297 -16.28 9.68 -1.01
N VAL A 298 -15.38 10.22 -0.22
CA VAL A 298 -14.80 9.45 0.85
C VAL A 298 -15.73 9.23 2.03
N ARG A 299 -16.54 10.22 2.35
CA ARG A 299 -17.44 10.09 3.50
C ARG A 299 -18.61 9.15 3.26
N THR A 300 -19.20 9.36 2.11
CA THR A 300 -20.31 8.59 1.70
C THR A 300 -19.92 7.09 1.59
N VAL A 301 -18.70 6.76 1.15
CA VAL A 301 -18.33 5.32 1.06
C VAL A 301 -18.16 4.68 2.44
N ILE A 302 -17.87 5.52 3.41
CA ILE A 302 -17.68 5.06 4.78
C ILE A 302 -19.05 4.88 5.41
N ARG A 303 -19.83 5.95 5.45
CA ARG A 303 -21.15 5.89 6.06
C ARG A 303 -22.18 5.07 5.27
N GLY A 304 -22.27 5.29 3.98
CA GLY A 304 -23.21 4.56 3.15
C GLY A 304 -23.24 3.08 3.43
N SER A 305 -22.08 2.45 3.58
CA SER A 305 -22.03 1.01 3.84
C SER A 305 -22.66 0.63 5.17
N TYR A 306 -22.32 1.37 6.23
CA TYR A 306 -22.88 1.17 7.58
C TYR A 306 -24.40 1.33 7.64
N ASP A 307 -24.92 2.37 6.99
CA ASP A 307 -26.36 2.65 6.98
C ASP A 307 -27.11 1.51 6.31
N TRP A 308 -26.48 1.00 5.24
CA TRP A 308 -26.97 -0.12 4.42
C TRP A 308 -27.01 -1.41 5.20
N HIS A 309 -25.90 -1.79 5.83
CA HIS A 309 -25.92 -3.01 6.63
C HIS A 309 -26.93 -2.91 7.79
N ARG A 310 -27.66 -1.79 7.88
CA ARG A 310 -28.69 -1.59 8.90
C ARG A 310 -30.09 -1.67 8.30
N SER A 311 -30.37 -2.74 7.55
CA SER A 311 -31.67 -3.02 6.90
C SER A 311 -31.60 -3.98 5.68
N SER A 312 -30.90 -3.54 4.60
CA SER A 312 -30.68 -4.28 3.31
C SER A 312 -29.40 -5.16 3.27
N GLY A 313 -29.31 -6.08 2.29
CA GLY A 313 -28.15 -6.95 2.15
C GLY A 313 -27.47 -7.40 3.44
N GLN B 3 24.23 13.63 -6.93
CA GLN B 3 25.03 14.39 -5.98
C GLN B 3 24.50 15.83 -5.98
N ASP B 4 24.75 16.54 -4.87
CA ASP B 4 24.36 17.95 -4.63
C ASP B 4 23.21 18.70 -5.35
N VAL B 5 21.98 18.40 -4.91
CA VAL B 5 20.77 19.06 -5.39
C VAL B 5 20.08 19.41 -4.08
N ASP B 6 19.69 20.67 -3.92
CA ASP B 6 19.07 21.14 -2.68
C ASP B 6 17.70 20.59 -2.32
N PHE B 7 17.56 20.24 -1.04
CA PHE B 7 16.30 19.76 -0.51
C PHE B 7 16.03 20.32 0.84
N HIS B 8 14.73 20.55 1.04
CA HIS B 8 14.16 21.12 2.25
C HIS B 8 13.97 19.99 3.26
N ILE B 9 15.02 19.70 4.03
CA ILE B 9 14.97 18.61 5.03
C ILE B 9 15.19 19.10 6.46
N PRO B 10 14.16 19.72 7.06
CA PRO B 10 14.18 20.27 8.41
C PRO B 10 14.27 19.26 9.53
N LEU B 11 15.34 18.47 9.59
CA LEU B 11 15.45 17.46 10.65
C LEU B 11 16.88 17.42 11.16
N PRO B 12 17.09 17.18 12.48
CA PRO B 12 18.41 17.09 13.14
C PRO B 12 19.50 16.17 12.55
N GLY B 13 20.44 16.76 11.82
CA GLY B 13 21.54 15.98 11.25
C GLY B 13 22.21 15.25 12.40
N ARG B 14 22.49 13.96 12.22
CA ARG B 14 23.12 13.15 13.26
C ARG B 14 24.13 12.16 12.64
N GLN B 15 24.79 11.40 13.53
CA GLN B 15 25.77 10.37 13.17
C GLN B 15 26.26 9.72 14.46
N SER B 16 26.34 8.38 14.53
CA SER B 16 26.86 7.65 15.72
C SER B 16 28.35 7.95 16.01
N PRO B 17 28.68 8.19 17.29
CA PRO B 17 30.06 8.49 17.65
C PRO B 17 31.05 7.37 17.27
N ASP B 18 30.70 6.12 17.57
CA ASP B 18 31.60 5.00 17.29
C ASP B 18 31.95 4.80 15.79
N HIS B 19 31.41 5.66 14.94
CA HIS B 19 31.56 5.58 13.49
C HIS B 19 32.87 5.25 12.78
N ALA B 20 33.97 5.91 13.15
CA ALA B 20 35.24 5.65 12.48
C ALA B 20 35.76 4.21 12.72
N ARG B 21 35.50 3.69 13.91
CA ARG B 21 35.93 2.32 14.21
C ARG B 21 35.23 1.33 13.29
N ALA B 22 33.91 1.51 13.16
CA ALA B 22 33.01 0.69 12.34
C ALA B 22 33.38 0.67 10.87
N GLU B 23 33.77 1.84 10.35
CA GLU B 23 34.19 1.96 8.97
C GLU B 23 35.56 1.25 8.81
N ALA B 24 36.33 1.20 9.89
CA ALA B 24 37.63 0.54 9.93
C ALA B 24 37.44 -0.96 9.78
N GLU B 25 36.62 -1.57 10.65
CA GLU B 25 36.33 -3.01 10.58
C GLU B 25 35.29 -3.47 9.53
N GLN B 26 34.84 -2.53 8.70
CA GLN B 26 33.85 -2.73 7.64
C GLN B 26 33.98 -4.03 6.83
N LEU B 27 35.21 -4.31 6.38
CA LEU B 27 35.48 -5.45 5.51
C LEU B 27 35.62 -6.85 6.08
N ALA B 28 35.79 -6.95 7.38
CA ALA B 28 35.96 -8.26 7.94
C ALA B 28 34.79 -9.17 7.57
N TRP B 29 33.59 -8.78 7.98
CA TRP B 29 32.43 -9.59 7.73
C TRP B 29 32.28 -10.11 6.28
N PRO B 30 32.04 -9.21 5.31
CA PRO B 30 31.87 -9.72 3.93
C PRO B 30 32.95 -10.66 3.42
N ARG B 31 34.18 -10.44 3.89
CA ARG B 31 35.31 -11.27 3.50
C ARG B 31 35.07 -12.65 4.10
N SER B 32 34.68 -12.70 5.37
CA SER B 32 34.44 -13.99 6.03
C SER B 32 33.41 -14.87 5.33
N LEU B 33 32.37 -14.28 4.77
CA LEU B 33 31.32 -15.03 4.08
C LEU B 33 31.66 -15.40 2.64
N GLY B 34 32.85 -15.03 2.17
CA GLY B 34 33.20 -15.27 0.77
C GLY B 34 32.59 -14.26 -0.22
N LEU B 35 31.99 -13.17 0.31
CA LEU B 35 31.34 -12.14 -0.51
C LEU B 35 32.29 -11.23 -1.29
N ILE B 36 33.44 -10.96 -0.67
CA ILE B 36 34.49 -10.15 -1.29
C ILE B 36 35.81 -10.90 -1.19
N ARG B 37 36.35 -11.31 -2.34
CA ARG B 37 37.61 -12.03 -2.32
C ARG B 37 38.75 -11.14 -2.80
N SER B 38 38.74 -10.65 -4.05
CA SER B 38 39.84 -9.81 -4.49
C SER B 38 39.92 -8.43 -3.84
N ASP B 39 41.11 -7.87 -3.88
CA ASP B 39 41.40 -6.56 -3.33
C ASP B 39 40.64 -5.48 -4.06
N ALA B 40 40.56 -5.64 -5.37
CA ALA B 40 39.84 -4.71 -6.24
C ALA B 40 38.38 -4.74 -5.85
N ALA B 41 37.91 -5.88 -5.37
CA ALA B 41 36.52 -5.97 -4.95
C ALA B 41 36.36 -5.25 -3.62
N ALA B 42 37.29 -5.46 -2.68
CA ALA B 42 37.21 -4.77 -1.37
C ALA B 42 37.32 -3.23 -1.49
N GLU B 43 38.21 -2.78 -2.38
CA GLU B 43 38.39 -1.36 -2.67
C GLU B 43 37.03 -0.77 -3.13
N ARG B 44 36.48 -1.36 -4.17
CA ARG B 44 35.20 -0.94 -4.70
C ARG B 44 34.08 -0.85 -3.67
N HIS B 45 34.12 -1.67 -2.62
CA HIS B 45 33.09 -1.69 -1.57
C HIS B 45 33.30 -0.51 -0.66
N LEU B 46 34.58 -0.26 -0.38
CA LEU B 46 34.98 0.86 0.46
C LEU B 46 34.46 2.17 -0.10
N ARG B 47 34.68 2.40 -1.38
CA ARG B 47 34.21 3.64 -1.99
C ARG B 47 32.69 3.81 -2.10
N GLY B 48 31.93 3.00 -1.38
CA GLY B 48 30.49 3.17 -1.39
C GLY B 48 30.09 3.81 -0.06
N GLY B 49 30.97 3.72 0.93
CA GLY B 49 30.68 4.38 2.19
C GLY B 49 29.44 3.83 2.83
N TYR B 50 29.37 2.50 2.85
CA TYR B 50 28.25 1.81 3.44
C TYR B 50 28.24 1.97 4.93
N ALA B 51 29.42 2.04 5.52
CA ALA B 51 29.51 2.22 6.96
C ALA B 51 29.11 3.66 7.28
N ASP B 52 29.50 4.61 6.42
CA ASP B 52 29.14 6.03 6.62
C ASP B 52 27.61 6.07 6.81
N LEU B 53 26.89 5.49 5.85
CA LEU B 53 25.44 5.42 5.93
C LEU B 53 24.91 4.77 7.20
N ALA B 54 25.42 3.57 7.49
CA ALA B 54 25.00 2.82 8.69
C ALA B 54 24.89 3.72 9.91
N SER B 55 26.00 4.40 10.18
CA SER B 55 26.12 5.32 11.31
C SER B 55 25.11 6.48 11.31
N ARG B 56 24.63 6.88 10.13
CA ARG B 56 23.62 7.94 10.02
C ARG B 56 22.20 7.35 10.24
N PHE B 57 21.94 6.15 9.73
CA PHE B 57 20.62 5.53 9.97
C PHE B 57 20.51 5.15 11.40
N TYR B 58 21.58 4.63 11.98
CA TYR B 58 21.54 4.25 13.39
C TYR B 58 22.54 5.03 14.28
N PRO B 59 22.36 6.37 14.43
CA PRO B 59 23.28 7.20 15.23
C PRO B 59 23.20 6.90 16.71
N HIS B 60 22.19 6.17 17.10
CA HIS B 60 22.02 5.81 18.49
C HIS B 60 22.72 4.51 18.82
N ALA B 61 23.35 3.87 17.83
CA ALA B 61 24.00 2.57 18.08
C ALA B 61 25.54 2.54 18.12
N THR B 62 26.06 1.58 18.88
CA THR B 62 27.51 1.45 19.07
C THR B 62 27.99 -0.02 19.18
N GLY B 63 29.26 -0.24 18.82
CA GLY B 63 29.86 -1.56 18.90
C GLY B 63 29.17 -2.56 18.00
N ALA B 64 29.07 -3.81 18.44
CA ALA B 64 28.46 -4.86 17.63
C ALA B 64 27.06 -4.48 17.13
N ASP B 65 26.39 -3.59 17.84
CA ASP B 65 25.08 -3.16 17.43
C ASP B 65 25.23 -2.32 16.15
N LEU B 66 26.10 -1.31 16.15
CA LEU B 66 26.28 -0.54 14.93
C LEU B 66 26.89 -1.41 13.83
N ASP B 67 27.57 -2.48 14.24
CA ASP B 67 28.18 -3.38 13.27
C ASP B 67 27.14 -4.13 12.47
N LEU B 68 26.09 -4.55 13.15
CA LEU B 68 24.98 -5.26 12.53
C LEU B 68 24.41 -4.44 11.36
N GLY B 69 24.28 -3.14 11.61
CA GLY B 69 23.78 -2.22 10.60
C GLY B 69 24.77 -2.03 9.47
N VAL B 70 26.07 -2.07 9.81
CA VAL B 70 27.11 -1.91 8.80
C VAL B 70 27.07 -3.11 7.88
N ASP B 71 26.87 -4.27 8.50
CA ASP B 71 26.78 -5.51 7.77
C ASP B 71 25.56 -5.44 6.81
N LEU B 72 24.40 -5.03 7.35
CA LEU B 72 23.16 -4.93 6.55
C LEU B 72 23.33 -4.15 5.27
N MET B 73 23.86 -2.94 5.40
CA MET B 73 24.06 -2.04 4.24
C MET B 73 24.92 -2.69 3.19
N SER B 74 25.99 -3.33 3.66
CA SER B 74 26.92 -4.04 2.78
C SER B 74 26.15 -5.16 2.14
N TRP B 75 25.33 -5.83 2.94
CA TRP B 75 24.56 -6.92 2.41
C TRP B 75 23.63 -6.41 1.31
N PHE B 76 22.89 -5.36 1.63
CA PHE B 76 21.97 -4.77 0.69
C PHE B 76 22.67 -4.52 -0.61
N PHE B 77 23.85 -3.95 -0.58
CA PHE B 77 24.45 -3.61 -1.86
C PHE B 77 25.04 -4.74 -2.64
N LEU B 78 25.53 -5.74 -1.93
CA LEU B 78 26.12 -6.90 -2.55
C LEU B 78 25.02 -7.74 -3.20
N PHE B 79 23.93 -7.90 -2.46
CA PHE B 79 22.77 -8.64 -2.97
C PHE B 79 22.25 -8.01 -4.25
N ASP B 80 22.17 -6.68 -4.26
CA ASP B 80 21.70 -5.99 -5.45
C ASP B 80 22.61 -6.22 -6.65
N ASP B 81 23.88 -6.47 -6.39
CA ASP B 81 24.81 -6.68 -7.50
C ASP B 81 24.42 -7.86 -8.41
N LEU B 82 23.69 -8.79 -7.83
CA LEU B 82 23.29 -10.01 -8.51
C LEU B 82 22.22 -9.91 -9.60
N PHE B 83 21.51 -8.80 -9.65
CA PHE B 83 20.46 -8.65 -10.63
C PHE B 83 20.74 -7.67 -11.74
N ASP B 84 22.00 -7.26 -11.88
CA ASP B 84 22.38 -6.31 -12.94
C ASP B 84 22.66 -7.02 -14.28
N GLY B 85 22.57 -8.35 -14.29
CA GLY B 85 22.77 -9.12 -15.50
C GLY B 85 21.44 -9.68 -16.04
N PRO B 86 21.48 -10.75 -16.90
CA PRO B 86 20.27 -11.37 -17.46
C PRO B 86 19.30 -11.97 -16.42
N ARG B 87 19.83 -12.40 -15.28
CA ARG B 87 19.01 -12.97 -14.22
C ARG B 87 17.94 -12.02 -13.77
N GLY B 88 18.18 -10.72 -13.98
CA GLY B 88 17.27 -9.68 -13.55
C GLY B 88 16.07 -9.46 -14.42
N GLU B 89 16.12 -9.96 -15.66
CA GLU B 89 14.99 -9.79 -16.57
C GLU B 89 14.20 -11.06 -16.73
N ASN B 90 14.27 -11.90 -15.71
CA ASN B 90 13.57 -13.14 -15.75
C ASN B 90 13.06 -13.42 -14.36
N PRO B 91 11.71 -13.53 -14.21
CA PRO B 91 10.98 -13.80 -12.95
C PRO B 91 11.33 -15.14 -12.37
N GLU B 92 11.67 -16.08 -13.25
CA GLU B 92 12.02 -17.41 -12.80
C GLU B 92 13.44 -17.43 -12.22
N ASP B 93 14.41 -16.90 -12.96
CA ASP B 93 15.79 -16.84 -12.47
C ASP B 93 15.95 -15.97 -11.22
N THR B 94 15.21 -14.87 -11.17
CA THR B 94 15.23 -13.96 -10.03
C THR B 94 14.69 -14.69 -8.82
N LYS B 95 13.49 -15.26 -8.97
CA LYS B 95 12.86 -16.01 -7.86
C LYS B 95 13.71 -17.20 -7.39
N GLN B 96 14.43 -17.79 -8.34
CA GLN B 96 15.33 -18.90 -8.13
C GLN B 96 16.29 -18.59 -6.96
N LEU B 97 16.85 -17.39 -7.00
CA LEU B 97 17.78 -16.92 -5.98
C LEU B 97 17.05 -16.46 -4.71
N THR B 98 15.99 -15.68 -4.94
CA THR B 98 15.09 -15.15 -3.90
C THR B 98 14.74 -16.23 -2.87
N ASP B 99 14.18 -17.35 -3.35
CA ASP B 99 13.76 -18.45 -2.48
C ASP B 99 14.90 -19.01 -1.63
N GLN B 100 16.10 -19.12 -2.17
CA GLN B 100 17.21 -19.67 -1.37
C GLN B 100 17.61 -18.73 -0.26
N VAL B 101 17.71 -17.46 -0.60
CA VAL B 101 18.06 -16.49 0.41
C VAL B 101 16.92 -16.41 1.43
N ALA B 102 15.71 -16.15 0.92
CA ALA B 102 14.47 -16.05 1.73
C ALA B 102 14.27 -17.22 2.70
N ALA B 103 14.81 -18.36 2.28
CA ALA B 103 14.78 -19.60 3.04
C ALA B 103 15.27 -19.44 4.48
N ALA B 104 16.21 -18.53 4.72
CA ALA B 104 16.72 -18.40 6.08
C ALA B 104 15.73 -17.96 7.13
N LEU B 105 14.55 -17.49 6.71
CA LEU B 105 13.54 -17.02 7.67
C LEU B 105 12.75 -18.16 8.32
N ASP B 106 12.67 -19.30 7.63
CA ASP B 106 11.91 -20.48 8.09
C ASP B 106 12.72 -21.50 8.88
N GLY B 107 14.02 -21.27 9.03
CA GLY B 107 14.88 -22.20 9.76
C GLY B 107 16.26 -22.15 9.14
N PRO B 108 17.17 -23.04 9.52
CA PRO B 108 18.56 -23.15 9.05
C PRO B 108 18.75 -23.48 7.57
N LEU B 109 19.83 -22.99 6.97
CA LEU B 109 20.13 -23.22 5.55
C LEU B 109 21.18 -24.32 5.27
N PRO B 110 21.07 -25.00 4.11
CA PRO B 110 22.01 -26.07 3.71
C PRO B 110 23.45 -25.52 3.46
N ASP B 111 24.46 -26.36 3.70
CA ASP B 111 25.86 -25.97 3.50
C ASP B 111 26.15 -25.55 2.06
N THR B 112 25.19 -25.81 1.17
CA THR B 112 25.35 -25.49 -0.24
C THR B 112 24.69 -24.21 -0.76
N ALA B 113 24.12 -23.40 0.12
CA ALA B 113 23.50 -22.16 -0.33
C ALA B 113 24.59 -21.15 -0.64
N PRO B 114 24.39 -20.32 -1.69
CA PRO B 114 25.39 -19.32 -2.06
C PRO B 114 25.64 -18.39 -0.86
N PRO B 115 26.83 -17.78 -0.79
CA PRO B 115 27.27 -16.87 0.28
C PRO B 115 26.23 -15.78 0.59
N ILE B 116 25.73 -15.09 -0.44
CA ILE B 116 24.74 -14.02 -0.28
C ILE B 116 23.59 -14.46 0.63
N ALA B 117 23.24 -15.74 0.52
CA ALA B 117 22.20 -16.34 1.32
C ALA B 117 22.74 -16.65 2.72
N HIS B 118 23.99 -17.08 2.86
CA HIS B 118 24.55 -17.40 4.19
C HIS B 118 24.82 -16.12 4.98
N GLY B 119 25.19 -15.08 4.23
CA GLY B 119 25.46 -13.77 4.80
C GLY B 119 24.12 -13.25 5.30
N PHE B 120 23.07 -13.37 4.50
CA PHE B 120 21.77 -12.93 4.98
C PHE B 120 21.40 -13.65 6.30
N ALA B 121 21.49 -14.98 6.30
CA ALA B 121 21.15 -15.79 7.48
C ALA B 121 21.81 -15.28 8.72
N ASP B 122 23.10 -15.04 8.65
CA ASP B 122 23.83 -14.53 9.82
C ASP B 122 23.23 -13.22 10.36
N ILE B 123 22.83 -12.34 9.44
CA ILE B 123 22.24 -11.05 9.81
C ILE B 123 20.88 -11.26 10.47
N TRP B 124 20.04 -12.10 9.86
CA TRP B 124 18.71 -12.37 10.39
C TRP B 124 18.80 -13.05 11.74
N ARG B 125 19.83 -13.88 11.89
CA ARG B 125 20.08 -14.58 13.14
C ARG B 125 20.18 -13.52 14.23
N ARG B 126 21.05 -12.54 13.97
CA ARG B 126 21.34 -11.45 14.89
C ARG B 126 20.19 -10.49 15.05
N THR B 127 19.55 -10.10 13.96
CA THR B 127 18.44 -9.15 14.02
C THR B 127 17.39 -9.56 15.04
N CYS B 128 17.02 -10.83 15.01
CA CYS B 128 16.01 -11.28 15.91
C CYS B 128 16.37 -11.63 17.35
N GLU B 129 17.63 -11.99 17.60
CA GLU B 129 18.02 -12.31 18.96
C GLU B 129 17.84 -11.10 19.92
N GLY B 130 16.94 -11.23 20.89
CA GLY B 130 16.73 -10.15 21.82
C GLY B 130 15.37 -9.54 21.65
N MET B 131 14.73 -9.90 20.54
CA MET B 131 13.42 -9.35 20.27
C MET B 131 12.36 -10.39 20.56
N THR B 132 11.14 -9.91 20.77
CA THR B 132 9.99 -10.74 21.06
C THR B 132 9.49 -11.46 19.82
N PRO B 133 8.90 -12.66 20.01
CA PRO B 133 8.36 -13.51 18.94
C PRO B 133 7.45 -12.78 17.97
N ALA B 134 6.70 -11.81 18.50
CA ALA B 134 5.76 -11.01 17.70
C ALA B 134 6.53 -10.10 16.76
N TRP B 135 7.50 -9.37 17.30
CA TRP B 135 8.34 -8.45 16.52
C TRP B 135 9.04 -9.20 15.40
N CYS B 136 9.60 -10.35 15.76
CA CYS B 136 10.32 -11.23 14.85
C CYS B 136 9.53 -11.60 13.59
N ALA B 137 8.22 -11.71 13.75
CA ALA B 137 7.34 -12.06 12.65
C ALA B 137 6.98 -10.87 11.74
N ARG B 138 6.68 -9.72 12.34
CA ARG B 138 6.31 -8.51 11.60
C ARG B 138 7.46 -8.09 10.72
N SER B 139 8.68 -8.47 11.11
CA SER B 139 9.92 -8.18 10.37
C SER B 139 10.14 -9.13 9.18
N ALA B 140 9.93 -10.42 9.43
CA ALA B 140 10.07 -11.45 8.40
C ALA B 140 9.04 -11.19 7.32
N ARG B 141 7.82 -10.83 7.75
CA ARG B 141 6.71 -10.48 6.85
C ARG B 141 7.22 -9.39 5.86
N HIS B 142 7.98 -8.44 6.39
CA HIS B 142 8.52 -7.35 5.60
C HIS B 142 9.57 -7.78 4.63
N TRP B 143 10.46 -8.65 5.10
CA TRP B 143 11.54 -9.16 4.24
C TRP B 143 10.91 -9.84 3.03
N ARG B 144 9.77 -10.49 3.24
CA ARG B 144 9.15 -11.17 2.14
C ARG B 144 8.64 -10.25 1.06
N ASN B 145 8.11 -9.09 1.44
CA ASN B 145 7.62 -8.14 0.43
C ASN B 145 8.84 -7.59 -0.34
N TYR B 146 9.96 -7.53 0.35
CA TYR B 146 11.20 -7.07 -0.25
C TYR B 146 11.54 -8.04 -1.40
N PHE B 147 11.69 -9.31 -1.02
CA PHE B 147 12.01 -10.40 -1.93
C PHE B 147 10.98 -10.55 -3.07
N ASP B 148 9.70 -10.42 -2.74
CA ASP B 148 8.65 -10.49 -3.74
C ASP B 148 8.68 -9.27 -4.67
N GLY B 149 9.11 -8.13 -4.13
CA GLY B 149 9.22 -6.92 -4.90
C GLY B 149 10.20 -7.11 -6.04
N TYR B 150 11.28 -7.86 -5.80
CA TYR B 150 12.31 -8.14 -6.83
C TYR B 150 11.82 -8.96 -8.04
N VAL B 151 11.04 -9.99 -7.72
CA VAL B 151 10.47 -10.89 -8.73
C VAL B 151 9.53 -10.03 -9.55
N ASP B 152 8.65 -9.32 -8.85
CA ASP B 152 7.67 -8.47 -9.51
C ASP B 152 8.40 -7.46 -10.38
N GLU B 153 9.60 -7.08 -9.96
CA GLU B 153 10.39 -6.13 -10.68
C GLU B 153 10.93 -6.75 -11.96
N ALA B 154 11.49 -7.97 -11.88
CA ALA B 154 12.02 -8.69 -13.08
C ALA B 154 10.86 -8.99 -14.06
N GLU B 155 9.70 -9.17 -13.43
CA GLU B 155 8.45 -9.44 -14.10
C GLU B 155 8.16 -8.48 -15.21
N SER B 156 8.60 -7.23 -15.08
CA SER B 156 8.33 -6.26 -16.11
C SER B 156 9.17 -6.20 -17.39
N ARG B 157 9.80 -7.33 -17.78
CA ARG B 157 10.65 -7.46 -18.98
C ARG B 157 12.03 -6.93 -18.64
N SER B 165 3.37 6.11 -16.28
CA SER B 165 2.76 6.17 -14.90
C SER B 165 3.68 6.24 -13.63
N ALA B 166 3.62 7.37 -12.91
CA ALA B 166 4.43 7.61 -11.69
C ALA B 166 3.99 6.80 -10.50
N ALA B 167 2.69 6.49 -10.47
CA ALA B 167 2.13 5.69 -9.39
C ALA B 167 2.51 4.19 -9.51
N GLN B 168 2.49 3.63 -10.74
CA GLN B 168 2.89 2.22 -10.98
C GLN B 168 4.31 2.07 -10.42
N TYR B 169 5.17 3.03 -10.75
CA TYR B 169 6.56 3.01 -10.34
C TYR B 169 6.76 3.00 -8.85
N LEU B 170 6.02 3.87 -8.18
CA LEU B 170 6.12 3.99 -6.74
C LEU B 170 5.68 2.75 -6.02
N ALA B 171 4.61 2.16 -6.53
CA ALA B 171 4.07 0.94 -5.98
C ALA B 171 5.15 -0.15 -5.99
N MET B 172 5.74 -0.41 -7.16
CA MET B 172 6.79 -1.42 -7.25
C MET B 172 7.99 -1.04 -6.43
N ARG B 173 8.50 0.17 -6.65
CA ARG B 173 9.66 0.66 -5.93
C ARG B 173 9.53 0.68 -4.41
N ARG B 174 8.34 0.91 -3.90
CA ARG B 174 8.23 0.96 -2.45
C ARG B 174 8.77 -0.27 -1.81
N HIS B 175 8.69 -1.38 -2.52
CA HIS B 175 9.15 -2.65 -1.96
C HIS B 175 10.63 -2.92 -2.12
N THR B 176 11.13 -2.80 -3.33
CA THR B 176 12.52 -3.03 -3.62
C THR B 176 13.54 -2.07 -3.00
N ILE B 177 13.07 -0.94 -2.45
CA ILE B 177 13.95 0.10 -1.86
C ILE B 177 14.70 -0.37 -0.57
N GLY B 178 14.11 -1.29 0.19
CA GLY B 178 14.78 -1.76 1.40
C GLY B 178 14.65 -0.89 2.64
N VAL B 179 13.93 0.21 2.53
CA VAL B 179 13.76 1.11 3.67
C VAL B 179 13.13 0.48 4.92
N GLN B 180 12.00 -0.20 4.76
CA GLN B 180 11.35 -0.79 5.94
C GLN B 180 12.24 -1.66 6.78
N PRO B 181 12.89 -2.68 6.16
CA PRO B 181 13.76 -3.54 6.99
C PRO B 181 14.91 -2.71 7.60
N THR B 182 15.28 -1.62 6.93
CA THR B 182 16.30 -0.74 7.46
C THR B 182 15.77 -0.15 8.77
N VAL B 183 14.55 0.38 8.71
CA VAL B 183 13.89 0.97 9.88
C VAL B 183 13.71 -0.03 10.99
N ASP B 184 13.26 -1.23 10.65
CA ASP B 184 13.07 -2.29 11.64
C ASP B 184 14.36 -2.49 12.46
N LEU B 185 15.49 -2.50 11.75
CA LEU B 185 16.79 -2.68 12.38
C LEU B 185 17.06 -1.61 13.41
N ALA B 186 16.64 -0.39 13.14
CA ALA B 186 16.86 0.70 14.10
C ALA B 186 16.25 0.30 15.44
N GLU B 187 15.12 -0.41 15.42
CA GLU B 187 14.50 -0.86 16.69
C GLU B 187 15.42 -1.88 17.35
N ARG B 188 15.93 -2.83 16.58
CA ARG B 188 16.84 -3.84 17.11
C ARG B 188 18.13 -3.20 17.62
N ALA B 189 18.63 -2.15 16.97
CA ALA B 189 19.87 -1.48 17.42
C ALA B 189 19.65 -0.75 18.72
N GLY B 190 18.55 -0.01 18.80
CA GLY B 190 18.25 0.72 20.02
C GLY B 190 17.77 -0.19 21.16
N ARG B 191 17.29 -1.39 20.83
CA ARG B 191 16.78 -2.36 21.81
C ARG B 191 15.50 -1.86 22.47
N PHE B 192 14.59 -1.28 21.67
CA PHE B 192 13.30 -0.74 22.13
C PHE B 192 12.25 -1.15 21.09
N GLU B 193 11.00 -1.31 21.49
CA GLU B 193 9.98 -1.72 20.52
C GLU B 193 8.72 -0.83 20.50
N VAL B 194 8.47 -0.16 19.38
CA VAL B 194 7.29 0.70 19.28
C VAL B 194 6.07 -0.19 19.53
N PRO B 195 5.09 0.31 20.31
CA PRO B 195 3.88 -0.45 20.61
C PRO B 195 3.30 -1.01 19.30
N HIS B 196 3.21 -2.33 19.23
CA HIS B 196 2.71 -2.95 18.02
C HIS B 196 1.39 -2.43 17.48
N ARG B 197 0.39 -2.25 18.34
CA ARG B 197 -0.92 -1.75 17.89
C ARG B 197 -0.87 -0.38 17.20
N VAL B 198 0.16 0.40 17.56
CA VAL B 198 0.38 1.73 17.03
C VAL B 198 0.99 1.65 15.63
N PHE B 199 1.87 0.68 15.47
CA PHE B 199 2.52 0.45 14.21
C PHE B 199 1.45 0.28 13.11
N ASP B 200 0.35 -0.40 13.40
CA ASP B 200 -0.66 -0.62 12.38
C ASP B 200 -1.65 0.53 12.17
N SER B 201 -1.37 1.66 12.81
CA SER B 201 -2.23 2.84 12.68
C SER B 201 -2.07 3.62 11.38
N ALA B 202 -3.17 4.17 10.90
CA ALA B 202 -3.17 4.95 9.67
C ALA B 202 -2.13 6.08 9.65
N VAL B 203 -1.90 6.67 10.82
CA VAL B 203 -0.96 7.78 10.96
C VAL B 203 0.47 7.31 10.84
N MET B 204 0.85 6.32 11.60
CA MET B 204 2.21 5.86 11.48
C MET B 204 2.48 5.29 10.10
N SER B 205 1.54 4.54 9.55
CA SER B 205 1.82 3.96 8.24
C SER B 205 1.99 5.01 7.16
N ALA B 206 1.35 6.14 7.36
CA ALA B 206 1.47 7.29 6.47
C ALA B 206 2.91 7.88 6.64
N MET B 207 3.37 7.96 7.89
CA MET B 207 4.70 8.47 8.17
C MET B 207 5.76 7.58 7.53
N LEU B 208 5.60 6.26 7.66
CA LEU B 208 6.58 5.34 7.08
C LEU B 208 6.60 5.39 5.53
N GLN B 209 5.43 5.55 4.92
CA GLN B 209 5.34 5.63 3.46
C GLN B 209 6.21 6.79 2.94
N ILE B 210 6.09 7.92 3.62
CA ILE B 210 6.83 9.13 3.28
C ILE B 210 8.32 8.86 3.38
N ALA B 211 8.71 8.13 4.41
CA ALA B 211 10.12 7.84 4.59
C ALA B 211 10.59 7.02 3.40
N VAL B 212 9.78 6.06 3.02
CA VAL B 212 10.11 5.23 1.87
C VAL B 212 10.20 6.07 0.60
N ASP B 213 9.25 6.96 0.37
CA ASP B 213 9.25 7.73 -0.87
C ASP B 213 10.37 8.66 -1.02
N VAL B 214 10.66 9.38 0.07
CA VAL B 214 11.76 10.34 0.03
C VAL B 214 13.05 9.63 -0.40
N ASN B 215 13.33 8.52 0.26
CA ASN B 215 14.51 7.71 -0.04
C ASN B 215 14.60 7.30 -1.51
N LEU B 216 13.51 6.78 -2.08
CA LEU B 216 13.62 6.36 -3.45
C LEU B 216 13.65 7.53 -4.39
N LEU B 217 13.12 8.68 -3.94
CA LEU B 217 13.14 9.93 -4.74
C LEU B 217 14.54 10.53 -4.79
N LEU B 218 15.18 10.56 -3.62
CA LEU B 218 16.53 11.09 -3.47
C LEU B 218 17.46 10.23 -4.33
N ASN B 219 17.32 8.95 -4.11
CA ASN B 219 18.08 7.95 -4.81
C ASN B 219 17.91 8.10 -6.34
N ASP B 220 16.68 8.19 -6.81
CA ASP B 220 16.42 8.35 -8.23
C ASP B 220 17.15 9.57 -8.81
N ILE B 221 17.26 10.64 -8.02
CA ILE B 221 17.94 11.85 -8.49
C ILE B 221 19.46 11.69 -8.42
N ALA B 222 19.94 10.98 -7.42
CA ALA B 222 21.35 10.79 -7.26
C ALA B 222 21.92 9.93 -8.37
N SER B 223 21.13 8.99 -8.81
CA SER B 223 21.63 8.09 -9.81
C SER B 223 21.08 8.33 -11.20
N LEU B 224 20.52 9.52 -11.40
CA LEU B 224 19.96 9.89 -12.70
C LEU B 224 20.94 9.77 -13.90
N GLU B 225 22.14 10.35 -13.79
CA GLU B 225 23.09 10.31 -14.92
C GLU B 225 23.65 8.95 -15.25
N LYS B 226 23.82 8.10 -14.24
CA LYS B 226 24.37 6.77 -14.48
C LYS B 226 23.33 6.01 -15.29
N GLU B 227 22.09 6.07 -14.86
CA GLU B 227 21.02 5.33 -15.51
C GLU B 227 20.61 5.86 -16.89
N GLU B 228 20.95 7.11 -17.15
CA GLU B 228 20.66 7.77 -18.43
C GLU B 228 21.64 7.22 -19.49
N ALA B 229 22.92 7.13 -19.12
CA ALA B 229 23.97 6.66 -20.01
C ALA B 229 23.74 5.25 -20.46
N ARG B 230 23.20 4.43 -19.55
CA ARG B 230 22.93 3.03 -19.87
C ARG B 230 21.53 2.74 -20.41
N GLY B 231 20.88 3.79 -20.89
CA GLY B 231 19.57 3.69 -21.51
C GLY B 231 18.37 3.37 -20.67
N GLU B 232 18.52 3.19 -19.36
CA GLU B 232 17.36 2.87 -18.51
C GLU B 232 16.18 3.85 -18.62
N GLN B 233 14.98 3.31 -18.49
CA GLN B 233 13.76 4.11 -18.60
C GLN B 233 12.80 3.88 -17.42
N ASN B 234 13.30 3.27 -16.36
CA ASN B 234 12.49 3.03 -15.19
C ASN B 234 13.10 3.89 -14.03
N ASN B 235 13.15 5.20 -14.25
CA ASN B 235 13.67 6.15 -13.26
C ASN B 235 12.55 7.20 -13.18
N MET B 236 12.23 7.67 -11.97
CA MET B 236 11.18 8.66 -11.81
C MET B 236 11.24 9.85 -12.79
N VAL B 237 12.44 10.40 -13.01
CA VAL B 237 12.67 11.53 -13.94
C VAL B 237 12.12 11.13 -15.33
N MET B 238 12.67 10.06 -15.94
CA MET B 238 12.21 9.58 -17.27
C MET B 238 10.71 9.33 -17.40
N ILE B 239 10.13 8.87 -16.31
CA ILE B 239 8.71 8.58 -16.27
C ILE B 239 7.84 9.82 -16.29
N LEU B 240 8.21 10.82 -15.49
CA LEU B 240 7.46 12.09 -15.44
C LEU B 240 7.40 12.71 -16.82
N ARG B 241 8.50 12.55 -17.56
CA ARG B 241 8.63 13.05 -18.93
C ARG B 241 7.66 12.34 -19.82
N ARG B 242 7.51 11.04 -19.62
CA ARG B 242 6.58 10.27 -20.44
C ARG B 242 5.14 10.58 -20.11
N GLU B 243 4.85 10.60 -18.82
CA GLU B 243 3.49 10.87 -18.39
C GLU B 243 2.96 12.29 -18.78
N HIS B 244 3.79 13.32 -18.58
CA HIS B 244 3.37 14.70 -18.83
C HIS B 244 3.95 15.41 -20.04
N GLY B 245 4.98 14.81 -20.63
CA GLY B 245 5.63 15.45 -21.76
C GLY B 245 6.35 16.70 -21.30
N TRP B 246 7.25 16.50 -20.34
CA TRP B 246 8.04 17.55 -19.69
C TRP B 246 9.50 17.47 -20.03
N SER B 247 10.15 18.62 -19.82
CA SER B 247 11.57 18.80 -20.03
C SER B 247 12.24 18.06 -18.87
N LYS B 248 13.47 17.59 -19.08
CA LYS B 248 14.22 16.91 -18.00
C LYS B 248 14.28 17.81 -16.77
N SER B 249 14.31 19.11 -17.01
CA SER B 249 14.38 20.05 -15.92
C SER B 249 13.08 20.20 -15.13
N ARG B 250 11.95 20.32 -15.85
CA ARG B 250 10.63 20.47 -15.22
C ARG B 250 10.42 19.25 -14.34
N SER B 251 10.93 18.10 -14.81
CA SER B 251 10.84 16.85 -14.06
C SER B 251 11.68 16.88 -12.82
N VAL B 252 12.94 17.29 -12.93
CA VAL B 252 13.74 17.28 -11.72
C VAL B 252 13.17 18.20 -10.69
N SER B 253 12.70 19.36 -11.14
CA SER B 253 12.14 20.31 -10.20
C SER B 253 10.90 19.71 -9.54
N HIS B 254 10.05 19.11 -10.36
CA HIS B 254 8.84 18.53 -9.78
C HIS B 254 9.20 17.53 -8.66
N MET B 255 10.33 16.85 -8.79
CA MET B 255 10.72 15.92 -7.72
C MET B 255 11.20 16.64 -6.47
N GLN B 256 11.78 17.82 -6.65
CA GLN B 256 12.21 18.61 -5.50
C GLN B 256 10.93 19.10 -4.75
N ASN B 257 9.92 19.48 -5.52
CA ASN B 257 8.65 19.91 -4.95
C ASN B 257 7.95 18.75 -4.26
N GLU B 258 8.19 17.51 -4.75
CA GLU B 258 7.57 16.35 -4.11
C GLU B 258 8.26 15.98 -2.81
N VAL B 259 9.57 16.12 -2.77
CA VAL B 259 10.24 15.81 -1.52
C VAL B 259 9.85 16.87 -0.50
N ARG B 260 9.69 18.11 -0.95
CA ARG B 260 9.30 19.25 -0.11
C ARG B 260 7.94 18.94 0.50
N ALA B 261 6.94 18.74 -0.37
CA ALA B 261 5.60 18.44 0.11
C ALA B 261 5.56 17.26 1.10
N ARG B 262 6.36 16.23 0.86
CA ARG B 262 6.36 15.07 1.76
C ARG B 262 6.83 15.42 3.15
N LEU B 263 7.95 16.15 3.22
CA LEU B 263 8.49 16.57 4.52
C LEU B 263 7.44 17.44 5.29
N GLU B 264 6.79 18.39 4.60
CA GLU B 264 5.76 19.23 5.23
C GLU B 264 4.79 18.31 5.98
N GLN B 265 4.12 17.46 5.20
CA GLN B 265 3.15 16.50 5.69
C GLN B 265 3.70 15.65 6.83
N TYR B 266 4.97 15.27 6.71
CA TYR B 266 5.63 14.47 7.74
C TYR B 266 5.46 15.16 9.10
N LEU B 267 5.81 16.45 9.17
CA LEU B 267 5.69 17.25 10.41
C LEU B 267 4.22 17.35 10.92
N LEU B 268 3.33 17.57 9.96
CA LEU B 268 1.91 17.63 10.21
C LEU B 268 1.46 16.35 10.91
N LEU B 269 1.81 15.19 10.35
CA LEU B 269 1.41 13.92 10.93
C LEU B 269 2.09 13.70 12.26
N GLU B 270 3.32 14.20 12.36
CA GLU B 270 4.08 14.04 13.58
C GLU B 270 3.39 14.78 14.75
N SER B 271 2.75 15.90 14.45
CA SER B 271 2.08 16.68 15.48
C SER B 271 0.76 16.04 15.94
N CYS B 272 0.22 15.13 15.11
CA CYS B 272 -1.02 14.40 15.42
C CYS B 272 -0.61 13.22 16.32
N LEU B 273 0.68 13.05 16.54
CA LEU B 273 1.16 11.91 17.34
C LEU B 273 0.64 11.78 18.76
N PRO B 274 0.52 12.89 19.50
CA PRO B 274 0.03 12.84 20.89
C PRO B 274 -1.45 12.40 21.00
N LYS B 275 -2.29 12.93 20.12
CA LYS B 275 -3.70 12.56 20.10
C LYS B 275 -3.84 11.03 19.86
N VAL B 276 -2.96 10.49 19.03
CA VAL B 276 -2.95 9.07 18.72
C VAL B 276 -2.52 8.25 19.93
N GLY B 277 -1.59 8.78 20.71
CA GLY B 277 -1.14 8.07 21.90
C GLY B 277 -2.32 7.77 22.77
N GLU B 278 -3.19 8.77 22.88
CA GLU B 278 -4.41 8.64 23.64
C GLU B 278 -5.31 7.58 22.99
N ILE B 279 -5.64 7.76 21.71
CA ILE B 279 -6.50 6.81 21.00
C ILE B 279 -6.19 5.34 21.30
N TYR B 280 -4.93 5.00 21.54
CA TYR B 280 -4.60 3.61 21.83
C TYR B 280 -4.30 3.39 23.29
N GLN B 281 -4.43 4.49 24.04
CA GLN B 281 -4.25 4.58 25.49
C GLN B 281 -2.89 4.05 25.89
N LEU B 282 -1.86 4.81 25.54
CA LEU B 282 -0.51 4.36 25.83
C LEU B 282 -0.04 4.70 27.25
N ASP B 283 0.59 3.72 27.90
CA ASP B 283 1.10 3.94 29.25
C ASP B 283 2.48 4.56 29.14
N THR B 284 2.93 5.18 30.23
CA THR B 284 4.21 5.85 30.28
C THR B 284 5.33 5.14 29.52
N ALA B 285 5.52 3.85 29.81
CA ALA B 285 6.56 3.05 29.18
C ALA B 285 6.38 3.01 27.65
N GLU B 286 5.14 2.91 27.20
CA GLU B 286 4.84 2.85 25.76
C GLU B 286 5.11 4.15 25.02
N ARG B 287 4.66 5.26 25.59
CA ARG B 287 4.84 6.58 25.00
C ARG B 287 6.31 6.90 24.75
N GLU B 288 7.18 6.35 25.60
CA GLU B 288 8.61 6.59 25.50
C GLU B 288 9.29 5.87 24.35
N ALA B 289 8.85 4.64 24.07
CA ALA B 289 9.39 3.85 22.96
C ALA B 289 8.92 4.39 21.60
N LEU B 290 7.72 4.94 21.59
CA LEU B 290 7.15 5.51 20.37
C LEU B 290 7.97 6.74 20.07
N GLU B 291 8.30 7.48 21.12
CA GLU B 291 9.10 8.68 21.00
C GLU B 291 10.49 8.31 20.39
N ARG B 292 11.02 7.16 20.82
CA ARG B 292 12.31 6.68 20.32
C ARG B 292 12.20 6.18 18.87
N TYR B 293 11.06 5.61 18.52
CA TYR B 293 10.82 5.13 17.16
C TYR B 293 10.72 6.32 16.20
N ARG B 294 10.11 7.40 16.69
CA ARG B 294 9.93 8.64 15.95
C ARG B 294 11.26 9.37 15.71
N THR B 295 12.09 9.42 16.74
CA THR B 295 13.37 10.10 16.69
C THR B 295 14.60 9.28 16.29
N ASP B 296 14.65 8.02 16.71
CA ASP B 296 15.81 7.17 16.39
C ASP B 296 15.71 6.21 15.19
N ALA B 297 14.52 6.04 14.61
CA ALA B 297 14.31 5.15 13.45
C ALA B 297 13.67 5.82 12.22
N VAL B 298 12.54 6.50 12.43
CA VAL B 298 11.89 7.16 11.33
C VAL B 298 12.64 8.42 10.88
N ARG B 299 12.93 9.32 11.82
CA ARG B 299 13.63 10.53 11.45
C ARG B 299 15.03 10.28 10.88
N THR B 300 15.73 9.32 11.47
CA THR B 300 17.07 8.98 11.03
C THR B 300 17.12 8.44 9.58
N VAL B 301 16.19 7.57 9.20
CA VAL B 301 16.21 7.03 7.82
C VAL B 301 15.83 8.06 6.79
N ILE B 302 15.08 9.07 7.19
CA ILE B 302 14.73 10.12 6.25
C ILE B 302 15.92 11.04 6.06
N ARG B 303 16.53 11.48 7.16
CA ARG B 303 17.67 12.38 7.06
C ARG B 303 18.91 11.66 6.58
N GLY B 304 19.25 10.55 7.22
CA GLY B 304 20.43 9.75 6.87
C GLY B 304 20.74 9.72 5.38
N SER B 305 19.75 9.38 4.57
CA SER B 305 19.95 9.34 3.13
C SER B 305 20.37 10.66 2.52
N TYR B 306 19.82 11.80 2.96
CA TYR B 306 20.21 13.12 2.43
C TYR B 306 21.68 13.47 2.78
N ASP B 307 22.05 13.35 4.06
CA ASP B 307 23.42 13.66 4.48
C ASP B 307 24.33 12.79 3.69
N TRP B 308 23.98 11.50 3.61
CA TRP B 308 24.76 10.51 2.89
C TRP B 308 24.97 10.82 1.41
N HIS B 309 23.89 11.08 0.69
CA HIS B 309 24.03 11.41 -0.72
C HIS B 309 24.83 12.75 -0.90
N ARG B 310 25.21 13.39 0.23
CA ARG B 310 25.98 14.65 0.26
C ARG B 310 27.51 14.50 0.49
N SER B 311 28.10 13.42 -0.02
CA SER B 311 29.56 13.15 0.07
C SER B 311 29.99 11.73 -0.38
N SER B 312 29.50 10.71 0.31
CA SER B 312 29.79 9.29 0.00
C SER B 312 28.78 8.73 -1.01
N GLY B 313 29.17 7.67 -1.73
CA GLY B 313 28.29 7.04 -2.71
C GLY B 313 27.71 7.97 -3.76
PB PBM C . -14.80 -26.56 -4.26
#